data_6GQ0
#
_entry.id   6GQ0
#
_cell.length_a   67.719
_cell.length_b   67.719
_cell.length_c   152.173
_cell.angle_alpha   90.00
_cell.angle_beta   90.00
_cell.angle_gamma   120.00
#
_symmetry.space_group_name_H-M   'P 31 2 1'
#
loop_
_entity.id
_entity.type
_entity.pdbx_description
1 polymer 'Putative sugar binding protein'
2 water water
#
_entity_poly.entity_id   1
_entity_poly.type   'polypeptide(L)'
_entity_poly.pdbx_seq_one_letter_code
;MGHHHHHHAWNVYAYPKSEKERVPETTKEAYHFVLVPEELDNDYWRLVEKGAKAAAKELGVDLEYIGPRQANIDEHLRIL
KKAAAAKVDGIITQGLTEAEFVPVINEITDKNIPVVTIDTDAPTSRRVAYVGTDNYYAGFLAGRALAEDTKGKATVAIIT
GSLTAAHQQLRVRGFEDAVRQEKGIRIVAIEESHITRVQAAEKAYTILKKHPDVNAFYGTSALDAIGVAKVVEQFHREQK
TYIIGFDTLPETIRYLQKGTIAATVVQEPYEMGYKAVKMMAEIVAGKDVPVVTNTETKVIRKKDLPLRPARNYEVNTP
;
_entity_poly.pdbx_strand_id   A
#
# COMPACT_ATOMS: atom_id res chain seq x y z
N LYS A 28 11.84 -12.84 33.81
CA LYS A 28 11.76 -12.18 32.51
C LYS A 28 10.43 -12.47 31.81
N GLU A 29 9.57 -11.46 31.72
CA GLU A 29 8.31 -11.57 31.02
C GLU A 29 8.53 -11.39 29.52
N ALA A 30 7.67 -12.02 28.72
CA ALA A 30 7.77 -11.90 27.27
C ALA A 30 7.27 -10.54 26.81
N TYR A 31 7.89 -10.04 25.74
CA TYR A 31 7.44 -8.80 25.15
C TYR A 31 6.09 -8.99 24.48
N HIS A 32 5.22 -8.00 24.66
CA HIS A 32 3.89 -7.99 24.09
C HIS A 32 3.78 -6.84 23.11
N PHE A 33 3.70 -7.15 21.83
CA PHE A 33 3.59 -6.15 20.79
C PHE A 33 2.24 -6.22 20.10
N VAL A 34 1.74 -5.11 19.62
CA VAL A 34 0.48 -5.06 18.88
C VAL A 34 0.78 -4.64 17.44
N LEU A 35 0.23 -5.39 16.48
CA LEU A 35 0.28 -5.02 15.07
C LEU A 35 -1.15 -4.78 14.60
N VAL A 36 -1.41 -3.58 14.08
CA VAL A 36 -2.74 -3.16 13.67
C VAL A 36 -2.74 -3.09 12.13
N PRO A 37 -3.37 -4.05 11.46
CA PRO A 37 -3.48 -3.97 10.00
C PRO A 37 -4.59 -3.01 9.59
N GLU A 38 -4.50 -2.54 8.34
CA GLU A 38 -5.57 -1.74 7.81
C GLU A 38 -6.88 -2.51 7.80
N GLU A 39 -6.80 -3.83 7.59
CA GLU A 39 -7.98 -4.65 7.39
C GLU A 39 -7.62 -6.09 7.75
N LEU A 40 -8.39 -6.70 8.66
CA LEU A 40 -8.03 -8.02 9.17
C LEU A 40 -8.04 -9.05 8.07
N ASP A 41 -9.19 -9.17 7.41
CA ASP A 41 -9.40 -10.17 6.37
C ASP A 41 -9.05 -9.51 5.04
N ASN A 42 -7.78 -9.63 4.68
CA ASN A 42 -7.25 -9.09 3.44
C ASN A 42 -6.02 -9.91 3.12
N ASP A 43 -5.97 -10.47 1.90
CA ASP A 43 -4.84 -11.31 1.51
C ASP A 43 -3.50 -10.65 1.85
N TYR A 44 -3.37 -9.34 1.58
CA TYR A 44 -2.10 -8.66 1.78
C TYR A 44 -1.72 -8.64 3.26
N TRP A 45 -2.67 -8.26 4.11
CA TRP A 45 -2.39 -8.18 5.54
C TRP A 45 -2.28 -9.55 6.18
N ARG A 46 -2.95 -10.56 5.64
CA ARG A 46 -2.71 -11.90 6.13
CA ARG A 46 -2.72 -11.92 6.10
C ARG A 46 -1.31 -12.36 5.80
N LEU A 47 -0.70 -11.81 4.74
CA LEU A 47 0.72 -12.11 4.49
C LEU A 47 1.60 -11.35 5.47
N VAL A 48 1.23 -10.12 5.82
CA VAL A 48 1.94 -9.40 6.87
C VAL A 48 1.83 -10.15 8.19
N GLU A 49 0.62 -10.63 8.51
CA GLU A 49 0.41 -11.38 9.74
C GLU A 49 1.28 -12.62 9.78
N LYS A 50 1.35 -13.36 8.66
CA LYS A 50 2.20 -14.55 8.65
C LYS A 50 3.65 -14.21 8.96
N GLY A 51 4.20 -13.18 8.30
CA GLY A 51 5.58 -12.81 8.55
C GLY A 51 5.78 -12.29 9.96
N ALA A 52 4.82 -11.50 10.45
CA ALA A 52 4.92 -10.97 11.81
C ALA A 52 4.88 -12.09 12.84
N LYS A 53 4.00 -13.08 12.64
CA LYS A 53 3.91 -14.15 13.62
C LYS A 53 5.10 -15.09 13.52
N ALA A 54 5.72 -15.21 12.33
CA ALA A 54 6.92 -16.01 12.22
C ALA A 54 8.07 -15.39 13.01
N ALA A 55 8.24 -14.07 12.88
CA ALA A 55 9.29 -13.39 13.64
C ALA A 55 8.97 -13.40 15.12
N ALA A 56 7.71 -13.21 15.49
CA ALA A 56 7.35 -13.20 16.90
C ALA A 56 7.66 -14.53 17.56
N LYS A 57 7.26 -15.63 16.90
CA LYS A 57 7.57 -16.95 17.42
C LYS A 57 9.09 -17.16 17.54
N GLU A 58 9.83 -16.68 16.55
CA GLU A 58 11.29 -16.85 16.55
C GLU A 58 11.96 -16.09 17.69
N LEU A 59 11.36 -14.99 18.15
CA LEU A 59 11.95 -14.18 19.21
C LEU A 59 11.35 -14.44 20.59
N GLY A 60 10.37 -15.34 20.69
CA GLY A 60 9.69 -15.50 21.96
C GLY A 60 8.88 -14.29 22.34
N VAL A 61 8.23 -13.67 21.36
CA VAL A 61 7.48 -12.43 21.55
C VAL A 61 5.99 -12.73 21.42
N ASP A 62 5.19 -12.21 22.34
CA ASP A 62 3.75 -12.26 22.21
C ASP A 62 3.32 -11.18 21.23
N LEU A 63 2.76 -11.60 20.10
CA LEU A 63 2.27 -10.69 19.08
C LEU A 63 0.76 -10.77 19.01
N GLU A 64 0.10 -9.64 19.24
CA GLU A 64 -1.35 -9.55 19.14
C GLU A 64 -1.71 -8.80 17.86
N TYR A 65 -2.40 -9.48 16.96
CA TYR A 65 -2.72 -8.96 15.64
C TYR A 65 -4.20 -8.60 15.62
N ILE A 66 -4.52 -7.31 15.69
CA ILE A 66 -5.89 -6.82 15.81
C ILE A 66 -6.05 -5.55 14.98
N GLY A 67 -7.20 -5.42 14.30
CA GLY A 67 -7.55 -4.20 13.62
C GLY A 67 -9.00 -4.23 13.12
N PRO A 68 -9.34 -3.32 12.21
CA PRO A 68 -10.71 -3.33 11.65
C PRO A 68 -10.90 -4.51 10.71
N ARG A 69 -12.03 -5.19 10.85
CA ARG A 69 -12.31 -6.30 9.97
C ARG A 69 -12.50 -5.76 8.56
N GLN A 70 -13.05 -4.56 8.44
CA GLN A 70 -13.20 -3.87 7.17
C GLN A 70 -12.56 -2.52 7.38
N ALA A 71 -11.74 -2.10 6.44
CA ALA A 71 -10.98 -0.86 6.60
C ALA A 71 -11.89 0.31 6.98
N ASN A 72 -11.57 0.95 8.10
CA ASN A 72 -12.35 2.06 8.62
C ASN A 72 -11.43 2.87 9.50
N ILE A 73 -11.24 4.15 9.17
CA ILE A 73 -10.23 4.95 9.86
C ILE A 73 -10.54 5.06 11.34
N ASP A 74 -11.82 5.23 11.69
CA ASP A 74 -12.18 5.53 13.07
C ASP A 74 -12.05 4.31 13.96
N GLU A 75 -12.40 3.13 13.47
CA GLU A 75 -12.11 1.94 14.25
C GLU A 75 -10.61 1.64 14.27
N HIS A 76 -9.91 2.04 13.22
CA HIS A 76 -8.45 1.88 13.17
C HIS A 76 -7.79 2.69 14.29
N LEU A 77 -8.14 3.97 14.39
CA LEU A 77 -7.59 4.80 15.45
C LEU A 77 -8.02 4.33 16.83
N ARG A 78 -9.27 3.86 16.96
CA ARG A 78 -9.76 3.41 18.25
CA ARG A 78 -9.76 3.42 18.26
C ARG A 78 -9.01 2.19 18.74
N ILE A 79 -8.64 1.29 17.82
CA ILE A 79 -7.90 0.09 18.22
C ILE A 79 -6.47 0.45 18.60
N LEU A 80 -5.89 1.47 17.95
CA LEU A 80 -4.57 1.96 18.35
C LEU A 80 -4.58 2.49 19.77
N LYS A 81 -5.50 3.41 20.07
CA LYS A 81 -5.52 4.02 21.40
C LYS A 81 -5.84 2.99 22.48
N LYS A 82 -6.64 1.97 22.14
CA LYS A 82 -6.91 0.91 23.11
C LYS A 82 -5.65 0.12 23.43
N ALA A 83 -4.88 -0.27 22.40
CA ALA A 83 -3.66 -1.02 22.62
C ALA A 83 -2.64 -0.21 23.42
N ALA A 84 -2.61 1.11 23.22
CA ALA A 84 -1.70 1.95 24.00
C ALA A 84 -2.10 1.98 25.47
N ALA A 85 -3.40 2.01 25.75
CA ALA A 85 -3.86 2.02 27.14
C ALA A 85 -3.60 0.71 27.87
N ALA A 86 -3.24 -0.35 27.14
CA ALA A 86 -2.93 -1.64 27.74
C ALA A 86 -1.48 -1.78 28.17
N LYS A 87 -0.68 -0.71 28.02
CA LYS A 87 0.74 -0.74 28.37
C LYS A 87 1.47 -1.89 27.68
N VAL A 88 1.15 -2.10 26.40
CA VAL A 88 1.95 -3.02 25.58
C VAL A 88 3.34 -2.45 25.36
N ASP A 89 4.25 -3.32 24.94
CA ASP A 89 5.66 -2.96 24.82
C ASP A 89 6.00 -2.23 23.53
N GLY A 90 5.16 -2.36 22.50
CA GLY A 90 5.35 -1.63 21.27
C GLY A 90 4.15 -1.83 20.37
N ILE A 91 3.97 -0.88 19.45
CA ILE A 91 2.85 -0.88 18.52
C ILE A 91 3.36 -0.70 17.10
N ILE A 92 2.90 -1.57 16.20
CA ILE A 92 3.24 -1.53 14.78
C ILE A 92 1.97 -1.18 14.02
N THR A 93 2.06 -0.17 13.13
CA THR A 93 0.88 0.32 12.44
C THR A 93 1.30 1.11 11.21
N GLN A 94 0.38 1.26 10.27
CA GLN A 94 0.53 2.27 9.22
C GLN A 94 0.45 3.66 9.82
N GLY A 95 1.22 4.58 9.25
CA GLY A 95 0.98 5.99 9.51
C GLY A 95 0.08 6.53 8.40
N LEU A 96 -1.18 6.09 8.40
CA LEU A 96 -2.00 6.14 7.19
C LEU A 96 -2.21 7.57 6.70
N THR A 97 -2.72 8.44 7.56
CA THR A 97 -2.90 9.83 7.19
C THR A 97 -2.12 10.73 8.14
N GLU A 98 -1.56 11.81 7.59
CA GLU A 98 -0.91 12.80 8.43
C GLU A 98 -1.87 13.29 9.50
N ALA A 99 -3.07 13.69 9.08
CA ALA A 99 -3.92 14.51 9.93
C ALA A 99 -4.41 13.76 11.16
N GLU A 100 -4.71 12.47 11.02
CA GLU A 100 -5.25 11.71 12.13
C GLU A 100 -4.26 10.77 12.78
N PHE A 101 -3.28 10.25 12.03
CA PHE A 101 -2.40 9.23 12.57
C PHE A 101 -1.14 9.78 13.21
N VAL A 102 -0.58 10.88 12.69
CA VAL A 102 0.54 11.53 13.38
C VAL A 102 0.18 11.90 14.80
N PRO A 103 -0.97 12.53 15.10
CA PRO A 103 -1.31 12.76 16.50
C PRO A 103 -1.44 11.47 17.30
N VAL A 104 -2.06 10.43 16.75
CA VAL A 104 -2.22 9.20 17.51
C VAL A 104 -0.87 8.52 17.73
N ILE A 105 0.00 8.51 16.71
CA ILE A 105 1.34 7.95 16.90
C ILE A 105 2.08 8.70 17.98
N ASN A 106 1.99 10.04 17.97
CA ASN A 106 2.70 10.83 18.95
C ASN A 106 2.13 10.67 20.36
N GLU A 107 0.85 10.44 20.45
CA GLU A 107 0.18 10.26 21.70
C GLU A 107 0.66 8.96 22.30
N ILE A 108 0.85 7.95 21.49
CA ILE A 108 1.32 6.66 21.91
C ILE A 108 2.77 6.77 22.35
N THR A 109 3.57 7.50 21.58
CA THR A 109 4.97 7.74 21.93
C THR A 109 5.09 8.53 23.22
N ASP A 110 4.12 9.39 23.54
CA ASP A 110 4.18 10.13 24.79
C ASP A 110 3.94 9.25 26.01
N LYS A 111 3.44 8.04 25.84
CA LYS A 111 3.38 7.07 26.92
C LYS A 111 4.61 6.18 26.96
N ASN A 112 5.67 6.55 26.24
CA ASN A 112 6.89 5.76 26.16
C ASN A 112 6.62 4.35 25.65
N ILE A 113 5.73 4.26 24.66
CA ILE A 113 5.53 3.05 23.88
C ILE A 113 6.11 3.32 22.50
N PRO A 114 7.10 2.55 22.05
CA PRO A 114 7.69 2.82 20.73
C PRO A 114 6.76 2.36 19.63
N VAL A 115 6.74 3.12 18.53
CA VAL A 115 5.88 2.83 17.38
C VAL A 115 6.79 2.56 16.19
N VAL A 116 6.60 1.40 15.56
CA VAL A 116 7.20 1.11 14.27
C VAL A 116 6.10 1.28 13.22
N THR A 117 6.31 2.13 12.23
CA THR A 117 5.32 2.21 11.16
C THR A 117 5.59 1.11 10.14
N ILE A 118 4.51 0.62 9.51
CA ILE A 118 4.61 -0.46 8.52
C ILE A 118 3.74 -0.10 7.33
N ASP A 119 4.26 -0.37 6.12
CA ASP A 119 3.51 -0.28 4.85
C ASP A 119 3.29 1.16 4.37
N THR A 120 2.91 2.03 5.31
CA THR A 120 2.76 3.46 5.05
C THR A 120 3.46 4.19 6.18
N ASP A 121 4.39 5.06 5.83
CA ASP A 121 5.15 5.77 6.84
C ASP A 121 4.48 7.10 7.20
N ALA A 122 4.80 7.57 8.40
CA ALA A 122 4.51 8.93 8.85
C ALA A 122 5.83 9.54 9.29
N PRO A 123 6.66 9.99 8.34
CA PRO A 123 8.02 10.42 8.70
C PRO A 123 8.10 11.69 9.53
N THR A 124 7.01 12.44 9.69
CA THR A 124 7.04 13.60 10.57
C THR A 124 6.57 13.28 11.98
N SER A 125 6.11 12.07 12.23
CA SER A 125 5.71 11.68 13.56
C SER A 125 6.94 11.27 14.37
N ARG A 126 6.71 10.90 15.62
CA ARG A 126 7.76 10.44 16.51
C ARG A 126 7.93 8.94 16.49
N ARG A 127 7.30 8.25 15.52
CA ARG A 127 7.59 6.83 15.31
C ARG A 127 9.10 6.62 15.21
N VAL A 128 9.55 5.48 15.72
CA VAL A 128 10.98 5.24 15.84
C VAL A 128 11.57 4.78 14.51
N ALA A 129 10.86 3.89 13.82
CA ALA A 129 11.40 3.29 12.60
C ALA A 129 10.24 2.92 11.69
N TYR A 130 10.53 2.90 10.40
CA TYR A 130 9.60 2.48 9.37
C TYR A 130 10.14 1.27 8.65
N VAL A 131 9.24 0.33 8.34
CA VAL A 131 9.49 -0.83 7.48
C VAL A 131 8.35 -0.90 6.48
N GLY A 132 8.68 -0.84 5.20
CA GLY A 132 7.66 -0.91 4.17
C GLY A 132 8.24 -0.48 2.83
N THR A 133 7.37 -0.43 1.83
CA THR A 133 7.79 0.01 0.52
C THR A 133 8.20 1.48 0.56
N ASP A 134 9.18 1.84 -0.27
CA ASP A 134 9.39 3.25 -0.63
C ASP A 134 8.26 3.65 -1.57
N ASN A 135 7.20 4.25 -1.02
CA ASN A 135 5.98 4.43 -1.81
C ASN A 135 6.14 5.48 -2.89
N TYR A 136 6.91 6.54 -2.65
CA TYR A 136 7.23 7.46 -3.73
C TYR A 136 7.90 6.72 -4.88
N TYR A 137 8.84 5.83 -4.58
CA TYR A 137 9.59 5.17 -5.63
C TYR A 137 8.88 3.97 -6.27
N ALA A 138 7.92 3.34 -5.58
CA ALA A 138 7.04 2.38 -6.22
C ALA A 138 6.23 3.06 -7.33
N GLY A 139 5.71 4.25 -7.05
CA GLY A 139 4.97 4.96 -8.07
C GLY A 139 5.86 5.47 -9.17
N PHE A 140 7.11 5.82 -8.84
CA PHE A 140 8.04 6.31 -9.84
C PHE A 140 8.42 5.19 -10.81
N LEU A 141 8.65 3.99 -10.28
CA LEU A 141 8.93 2.84 -11.14
C LEU A 141 7.71 2.46 -11.97
N ALA A 142 6.50 2.69 -11.45
CA ALA A 142 5.29 2.47 -12.24
C ALA A 142 5.18 3.45 -13.40
N GLY A 143 5.55 4.71 -13.17
CA GLY A 143 5.59 5.66 -14.27
C GLY A 143 6.60 5.27 -15.34
N ARG A 144 7.81 4.90 -14.91
CA ARG A 144 8.82 4.41 -15.85
C ARG A 144 8.32 3.21 -16.67
N ALA A 145 7.64 2.27 -16.00
CA ALA A 145 7.19 1.06 -16.66
C ALA A 145 6.08 1.38 -17.65
N LEU A 146 5.20 2.31 -17.30
CA LEU A 146 4.15 2.70 -18.23
C LEU A 146 4.76 3.39 -19.46
N ALA A 147 5.72 4.30 -19.24
CA ALA A 147 6.38 4.97 -20.36
C ALA A 147 7.13 3.96 -21.24
N GLU A 148 7.80 2.99 -20.62
CA GLU A 148 8.47 1.95 -21.41
C GLU A 148 7.47 1.14 -22.23
N ASP A 149 6.40 0.65 -21.59
CA ASP A 149 5.49 -0.29 -22.25
C ASP A 149 4.62 0.40 -23.31
N THR A 150 4.28 1.68 -23.12
CA THR A 150 3.55 2.43 -24.12
C THR A 150 4.46 3.17 -25.08
N LYS A 151 5.77 2.89 -25.05
CA LYS A 151 6.76 3.56 -25.89
C LYS A 151 6.63 5.08 -25.80
N GLY A 152 6.33 5.58 -24.60
CA GLY A 152 6.25 6.99 -24.33
C GLY A 152 5.01 7.69 -24.83
N LYS A 153 3.97 6.97 -25.23
CA LYS A 153 2.77 7.57 -25.79
C LYS A 153 1.56 7.05 -25.04
N ALA A 154 0.86 7.94 -24.32
CA ALA A 154 -0.25 7.47 -23.50
C ALA A 154 -1.08 8.66 -23.04
N THR A 155 -2.38 8.41 -22.89
CA THR A 155 -3.35 9.35 -22.32
C THR A 155 -3.87 8.67 -21.07
N VAL A 156 -3.39 9.10 -19.91
CA VAL A 156 -3.47 8.35 -18.67
C VAL A 156 -4.58 8.87 -17.77
N ALA A 157 -5.33 7.96 -17.18
CA ALA A 157 -6.15 8.26 -16.02
C ALA A 157 -5.60 7.51 -14.82
N ILE A 158 -5.60 8.18 -13.67
CA ILE A 158 -5.09 7.62 -12.42
C ILE A 158 -6.25 7.33 -11.49
N ILE A 159 -6.31 6.10 -10.99
CA ILE A 159 -7.25 5.75 -9.91
C ILE A 159 -6.42 5.58 -8.64
N THR A 160 -6.78 6.32 -7.60
CA THR A 160 -6.06 6.23 -6.33
C THR A 160 -7.03 5.90 -5.22
N GLY A 161 -6.54 5.21 -4.19
CA GLY A 161 -7.38 4.83 -3.08
C GLY A 161 -7.95 6.03 -2.34
N SER A 162 -7.13 7.06 -2.13
CA SER A 162 -7.62 8.30 -1.56
C SER A 162 -6.56 9.38 -1.73
N LEU A 163 -7.00 10.61 -1.58
CA LEU A 163 -6.12 11.76 -1.69
C LEU A 163 -5.46 12.12 -0.37
N THR A 164 -5.88 11.54 0.74
CA THR A 164 -5.33 11.82 2.05
CA THR A 164 -5.27 11.84 2.02
C THR A 164 -4.38 10.73 2.57
N ALA A 165 -4.51 9.50 2.08
CA ALA A 165 -3.64 8.43 2.57
C ALA A 165 -2.24 8.61 2.04
N ALA A 166 -1.25 8.62 2.95
CA ALA A 166 0.10 9.06 2.60
C ALA A 166 0.73 8.19 1.52
N HIS A 167 0.55 6.87 1.56
CA HIS A 167 1.18 6.03 0.55
C HIS A 167 0.54 6.24 -0.82
N GLN A 168 -0.78 6.42 -0.85
CA GLN A 168 -1.47 6.75 -2.09
C GLN A 168 -0.93 8.06 -2.68
N GLN A 169 -0.81 9.11 -1.85
CA GLN A 169 -0.26 10.37 -2.32
C GLN A 169 1.13 10.20 -2.94
N LEU A 170 2.01 9.45 -2.25
CA LEU A 170 3.38 9.25 -2.75
C LEU A 170 3.40 8.44 -4.03
N ARG A 171 2.57 7.40 -4.12
CA ARG A 171 2.51 6.61 -5.35
C ARG A 171 2.03 7.46 -6.52
N VAL A 172 1.10 8.38 -6.28
CA VAL A 172 0.66 9.28 -7.34
C VAL A 172 1.78 10.25 -7.71
N ARG A 173 2.41 10.85 -6.70
CA ARG A 173 3.41 11.87 -6.99
C ARG A 173 4.62 11.26 -7.70
N GLY A 174 5.04 10.06 -7.27
CA GLY A 174 6.17 9.42 -7.92
C GLY A 174 5.91 9.14 -9.39
N PHE A 175 4.72 8.65 -9.70
CA PHE A 175 4.31 8.43 -11.09
C PHE A 175 4.33 9.73 -11.88
N GLU A 176 3.74 10.78 -11.33
CA GLU A 176 3.70 12.06 -12.04
C GLU A 176 5.11 12.58 -12.34
N ASP A 177 6.02 12.47 -11.36
CA ASP A 177 7.38 12.94 -11.57
C ASP A 177 8.09 12.11 -12.63
N ALA A 178 7.90 10.80 -12.62
CA ALA A 178 8.52 9.94 -13.61
C ALA A 178 8.07 10.32 -15.03
N VAL A 179 6.79 10.60 -15.22
CA VAL A 179 6.30 10.86 -16.58
C VAL A 179 6.34 12.33 -16.95
N ARG A 180 6.78 13.19 -16.06
CA ARG A 180 6.74 14.61 -16.37
C ARG A 180 7.45 15.02 -17.65
N GLN A 181 8.58 14.41 -17.93
CA GLN A 181 9.32 14.74 -19.11
C GLN A 181 9.02 13.83 -20.32
N GLU A 182 8.13 12.86 -20.14
CA GLU A 182 7.74 12.02 -21.25
C GLU A 182 6.77 12.87 -22.04
N LYS A 183 7.24 13.44 -23.13
CA LYS A 183 6.45 14.39 -23.92
C LYS A 183 5.21 13.76 -24.55
N GLY A 184 5.20 12.45 -24.77
CA GLY A 184 4.02 11.79 -25.32
C GLY A 184 3.01 11.31 -24.31
N ILE A 185 3.23 11.57 -23.02
CA ILE A 185 2.31 11.15 -21.97
C ILE A 185 1.62 12.38 -21.39
N ARG A 186 0.29 12.30 -21.24
CA ARG A 186 -0.41 13.30 -20.44
C ARG A 186 -1.45 12.62 -19.57
N ILE A 187 -1.62 13.15 -18.36
CA ILE A 187 -2.55 12.64 -17.36
C ILE A 187 -3.80 13.51 -17.40
N VAL A 188 -4.95 12.92 -17.69
CA VAL A 188 -6.17 13.70 -17.92
C VAL A 188 -7.16 13.60 -16.78
N ALA A 189 -7.01 12.64 -15.87
CA ALA A 189 -7.95 12.47 -14.76
C ALA A 189 -7.24 11.79 -13.61
N ILE A 190 -7.66 12.14 -12.39
CA ILE A 190 -7.30 11.43 -11.16
C ILE A 190 -8.58 11.28 -10.34
N GLU A 191 -8.91 10.05 -9.99
CA GLU A 191 -10.15 9.78 -9.27
C GLU A 191 -9.88 8.85 -8.10
N GLU A 192 -10.70 8.97 -7.06
CA GLU A 192 -10.56 8.19 -5.84
C GLU A 192 -11.45 6.96 -5.88
N SER A 193 -10.89 5.82 -5.49
CA SER A 193 -11.68 4.61 -5.39
C SER A 193 -12.14 4.30 -3.97
N HIS A 194 -11.55 4.96 -2.96
CA HIS A 194 -11.80 4.61 -1.56
C HIS A 194 -11.55 3.13 -1.31
N ILE A 195 -10.52 2.61 -1.98
CA ILE A 195 -10.02 1.22 -1.95
C ILE A 195 -11.12 0.15 -1.98
N THR A 196 -12.16 0.37 -2.78
CA THR A 196 -13.12 -0.68 -3.10
C THR A 196 -13.12 -0.95 -4.59
N ARG A 197 -13.25 -2.23 -4.97
CA ARG A 197 -13.27 -2.64 -6.37
C ARG A 197 -14.42 -1.99 -7.12
N VAL A 198 -15.57 -1.85 -6.48
CA VAL A 198 -16.76 -1.32 -7.13
C VAL A 198 -16.60 0.17 -7.44
N GLN A 199 -15.98 0.93 -6.53
CA GLN A 199 -15.83 2.35 -6.80
C GLN A 199 -14.73 2.63 -7.83
N ALA A 200 -13.69 1.78 -7.88
CA ALA A 200 -12.74 1.88 -8.99
C ALA A 200 -13.43 1.67 -10.33
N ALA A 201 -14.33 0.70 -10.39
CA ALA A 201 -15.10 0.49 -11.63
C ALA A 201 -15.97 1.70 -11.93
N GLU A 202 -16.71 2.19 -10.93
CA GLU A 202 -17.50 3.41 -11.09
C GLU A 202 -16.71 4.55 -11.69
N LYS A 203 -15.52 4.85 -11.13
CA LYS A 203 -14.70 5.94 -11.64
C LYS A 203 -14.22 5.67 -13.07
N ALA A 204 -13.89 4.42 -13.38
CA ALA A 204 -13.55 4.08 -14.76
C ALA A 204 -14.70 4.35 -15.72
N TYR A 205 -15.95 4.08 -15.31
CA TYR A 205 -17.09 4.40 -16.17
C TYR A 205 -17.16 5.90 -16.42
N THR A 206 -16.98 6.69 -15.35
CA THR A 206 -17.03 8.15 -15.45
C THR A 206 -15.92 8.68 -16.35
N ILE A 207 -14.69 8.18 -16.14
CA ILE A 207 -13.54 8.67 -16.89
C ILE A 207 -13.68 8.35 -18.37
N LEU A 208 -14.02 7.10 -18.70
CA LEU A 208 -14.08 6.70 -20.10
C LEU A 208 -15.16 7.45 -20.84
N LYS A 209 -16.20 7.83 -20.14
CA LYS A 209 -17.26 8.59 -20.74
C LYS A 209 -16.79 9.99 -21.00
N LYS A 210 -16.07 10.56 -20.05
CA LYS A 210 -15.65 11.96 -20.15
C LYS A 210 -14.39 12.12 -21.00
N HIS A 211 -13.51 11.13 -20.99
CA HIS A 211 -12.21 11.18 -21.68
C HIS A 211 -12.05 9.94 -22.54
N PRO A 212 -12.79 9.81 -23.64
CA PRO A 212 -12.72 8.58 -24.44
C PRO A 212 -11.39 8.34 -25.13
N ASP A 213 -10.49 9.32 -25.12
CA ASP A 213 -9.12 9.15 -25.60
C ASP A 213 -8.19 8.47 -24.57
N VAL A 214 -8.66 8.18 -23.36
CA VAL A 214 -7.85 7.51 -22.34
C VAL A 214 -7.50 6.11 -22.82
N ASN A 215 -6.20 5.83 -22.94
CA ASN A 215 -5.71 4.52 -23.33
C ASN A 215 -4.79 3.92 -22.27
N ALA A 216 -4.78 4.47 -21.07
CA ALA A 216 -3.86 4.02 -20.04
C ALA A 216 -4.47 4.31 -18.67
N PHE A 217 -4.49 3.30 -17.79
CA PHE A 217 -4.89 3.47 -16.41
C PHE A 217 -3.75 3.10 -15.46
N TYR A 218 -3.58 3.92 -14.42
CA TYR A 218 -2.66 3.67 -13.32
C TYR A 218 -3.47 3.61 -12.04
N GLY A 219 -3.46 2.46 -11.37
CA GLY A 219 -4.10 2.31 -10.07
C GLY A 219 -3.04 2.19 -8.97
N THR A 220 -3.30 2.84 -7.83
CA THR A 220 -2.32 2.88 -6.73
C THR A 220 -2.71 2.06 -5.51
N SER A 221 -3.89 1.44 -5.49
CA SER A 221 -4.24 0.52 -4.41
C SER A 221 -4.65 -0.81 -5.02
N ALA A 222 -4.82 -1.81 -4.14
CA ALA A 222 -4.76 -3.20 -4.57
C ALA A 222 -5.93 -3.61 -5.48
N LEU A 223 -7.05 -2.91 -5.42
CA LEU A 223 -8.21 -3.28 -6.23
C LEU A 223 -8.48 -2.31 -7.36
N ASP A 224 -7.64 -1.28 -7.56
CA ASP A 224 -7.96 -0.26 -8.55
C ASP A 224 -7.87 -0.81 -9.97
N ALA A 225 -6.76 -1.45 -10.32
CA ALA A 225 -6.61 -2.01 -11.66
C ALA A 225 -7.67 -3.07 -11.95
N ILE A 226 -8.03 -3.84 -10.91
CA ILE A 226 -9.05 -4.89 -11.07
C ILE A 226 -10.39 -4.28 -11.43
N GLY A 227 -10.79 -3.22 -10.71
CA GLY A 227 -12.03 -2.55 -11.05
C GLY A 227 -12.00 -1.93 -12.42
N VAL A 228 -10.87 -1.28 -12.75
CA VAL A 228 -10.68 -0.72 -14.10
C VAL A 228 -10.74 -1.83 -15.15
N ALA A 229 -10.07 -2.97 -14.89
CA ALA A 229 -10.01 -4.03 -15.88
C ALA A 229 -11.41 -4.51 -16.29
N LYS A 230 -12.32 -4.65 -15.32
CA LYS A 230 -13.68 -5.06 -15.60
C LYS A 230 -14.38 -4.11 -16.57
N VAL A 231 -14.24 -2.79 -16.34
CA VAL A 231 -14.93 -1.82 -17.17
C VAL A 231 -14.32 -1.77 -18.56
N VAL A 232 -12.99 -1.83 -18.64
CA VAL A 232 -12.28 -1.83 -19.91
C VAL A 232 -12.75 -3.01 -20.78
N GLU A 233 -12.85 -4.20 -20.17
CA GLU A 233 -13.35 -5.35 -20.90
C GLU A 233 -14.81 -5.18 -21.30
N GLN A 234 -15.62 -4.52 -20.46
CA GLN A 234 -17.03 -4.31 -20.80
C GLN A 234 -17.18 -3.48 -22.06
N PHE A 235 -16.30 -2.49 -22.24
CA PHE A 235 -16.35 -1.66 -23.44
C PHE A 235 -15.47 -2.19 -24.56
N HIS A 236 -14.94 -3.40 -24.41
CA HIS A 236 -14.09 -4.01 -25.45
C HIS A 236 -12.90 -3.13 -25.80
N ARG A 237 -12.26 -2.55 -24.77
CA ARG A 237 -11.12 -1.66 -24.98
C ARG A 237 -9.80 -2.28 -24.57
N GLU A 238 -9.79 -3.57 -24.20
CA GLU A 238 -8.57 -4.13 -23.61
C GLU A 238 -7.41 -4.10 -24.60
N GLN A 239 -7.68 -4.32 -25.88
CA GLN A 239 -6.59 -4.32 -26.86
C GLN A 239 -6.01 -2.91 -27.08
N LYS A 240 -6.74 -1.85 -26.70
CA LYS A 240 -6.25 -0.49 -26.83
C LYS A 240 -5.92 0.16 -25.48
N THR A 241 -5.92 -0.58 -24.39
CA THR A 241 -5.76 0.04 -23.08
C THR A 241 -4.64 -0.61 -22.29
N TYR A 242 -3.72 0.22 -21.79
CA TYR A 242 -2.64 -0.20 -20.90
C TYR A 242 -3.07 0.03 -19.46
N ILE A 243 -3.01 -1.01 -18.63
CA ILE A 243 -3.39 -0.94 -17.23
C ILE A 243 -2.21 -1.40 -16.38
N ILE A 244 -1.80 -0.56 -15.44
CA ILE A 244 -0.77 -0.89 -14.44
C ILE A 244 -1.36 -0.58 -13.06
N GLY A 245 -1.29 -1.56 -12.16
CA GLY A 245 -1.84 -1.44 -10.84
C GLY A 245 -0.81 -1.81 -9.78
N PHE A 246 -1.31 -2.20 -8.61
CA PHE A 246 -0.50 -2.54 -7.47
C PHE A 246 -0.95 -3.90 -6.94
N ASP A 247 0.03 -4.67 -6.46
CA ASP A 247 -0.15 -5.88 -5.67
C ASP A 247 -0.55 -7.08 -6.52
N THR A 248 -0.84 -8.21 -5.86
CA THR A 248 -0.93 -9.51 -6.52
C THR A 248 -2.19 -10.26 -6.13
N LEU A 249 -3.30 -9.55 -5.89
CA LEU A 249 -4.54 -10.22 -5.59
C LEU A 249 -4.91 -11.19 -6.72
N PRO A 250 -5.70 -12.22 -6.41
CA PRO A 250 -6.02 -13.23 -7.44
C PRO A 250 -6.56 -12.67 -8.74
N GLU A 251 -7.51 -11.74 -8.68
CA GLU A 251 -8.03 -11.16 -9.91
C GLU A 251 -6.94 -10.40 -10.66
N THR A 252 -5.99 -9.80 -9.95
CA THR A 252 -4.89 -9.13 -10.63
C THR A 252 -4.05 -10.11 -11.44
N ILE A 253 -3.75 -11.27 -10.86
CA ILE A 253 -2.98 -12.29 -11.57
C ILE A 253 -3.78 -12.84 -12.74
N ARG A 254 -5.09 -12.99 -12.56
CA ARG A 254 -5.94 -13.48 -13.65
C ARG A 254 -5.91 -12.52 -14.84
N TYR A 255 -6.20 -11.24 -14.59
CA TYR A 255 -6.18 -10.25 -15.68
C TYR A 255 -4.79 -10.08 -16.27
N LEU A 256 -3.74 -10.28 -15.48
CA LEU A 256 -2.39 -10.24 -16.02
C LEU A 256 -2.13 -11.40 -16.98
N GLN A 257 -2.52 -12.61 -16.60
CA GLN A 257 -2.37 -13.77 -17.48
C GLN A 257 -3.21 -13.62 -18.74
N LYS A 258 -4.36 -12.97 -18.62
CA LYS A 258 -5.31 -12.78 -19.72
C LYS A 258 -4.93 -11.62 -20.62
N GLY A 259 -4.10 -10.69 -20.14
CA GLY A 259 -3.65 -9.57 -20.96
C GLY A 259 -4.33 -8.26 -20.67
N THR A 260 -5.42 -8.25 -19.89
CA THR A 260 -6.15 -7.01 -19.64
C THR A 260 -5.35 -6.04 -18.78
N ILE A 261 -4.72 -6.55 -17.74
CA ILE A 261 -3.76 -5.77 -16.98
C ILE A 261 -2.38 -6.08 -17.55
N ALA A 262 -1.62 -5.02 -17.87
CA ALA A 262 -0.29 -5.21 -18.41
C ALA A 262 0.79 -5.35 -17.34
N ALA A 263 0.60 -4.75 -16.16
CA ALA A 263 1.68 -4.77 -15.17
C ALA A 263 1.13 -4.49 -13.78
N THR A 264 1.88 -4.90 -12.77
CA THR A 264 1.49 -4.55 -11.42
C THR A 264 2.75 -4.40 -10.59
N VAL A 265 2.69 -3.53 -9.58
CA VAL A 265 3.81 -3.26 -8.69
C VAL A 265 3.69 -4.17 -7.47
N VAL A 266 4.70 -5.01 -7.26
CA VAL A 266 4.63 -6.07 -6.27
C VAL A 266 5.47 -5.64 -5.07
N GLN A 267 4.89 -5.75 -3.88
CA GLN A 267 5.53 -5.43 -2.61
C GLN A 267 5.88 -6.73 -1.90
N GLU A 268 6.40 -6.61 -0.67
CA GLU A 268 6.83 -7.78 0.11
C GLU A 268 6.12 -7.76 1.46
N PRO A 269 4.82 -8.00 1.50
CA PRO A 269 4.09 -7.88 2.77
C PRO A 269 4.56 -8.86 3.83
N TYR A 270 4.94 -10.08 3.43
CA TYR A 270 5.50 -11.03 4.39
C TYR A 270 6.76 -10.46 5.02
N GLU A 271 7.68 -9.95 4.19
CA GLU A 271 8.95 -9.45 4.68
C GLU A 271 8.77 -8.21 5.55
N MET A 272 7.82 -7.32 5.21
CA MET A 272 7.68 -6.16 6.08
C MET A 272 7.05 -6.55 7.40
N GLY A 273 6.15 -7.55 7.42
CA GLY A 273 5.65 -8.07 8.68
C GLY A 273 6.76 -8.65 9.53
N TYR A 274 7.62 -9.47 8.91
CA TYR A 274 8.73 -10.09 9.62
C TYR A 274 9.71 -9.04 10.14
N LYS A 275 10.16 -8.16 9.24
CA LYS A 275 11.13 -7.14 9.63
C LYS A 275 10.56 -6.17 10.65
N ALA A 276 9.27 -5.83 10.57
CA ALA A 276 8.72 -4.90 11.55
C ALA A 276 8.79 -5.46 12.96
N VAL A 277 8.50 -6.74 13.14
CA VAL A 277 8.54 -7.34 14.48
C VAL A 277 9.97 -7.44 14.98
N LYS A 278 10.88 -7.91 14.11
CA LYS A 278 12.29 -8.05 14.50
C LYS A 278 12.89 -6.70 14.85
N MET A 279 12.42 -5.65 14.19
CA MET A 279 12.96 -4.34 14.50
C MET A 279 12.35 -3.77 15.77
N MET A 280 11.07 -4.04 16.04
CA MET A 280 10.53 -3.64 17.34
C MET A 280 11.32 -4.30 18.47
N ALA A 281 11.67 -5.58 18.31
CA ALA A 281 12.43 -6.29 19.33
C ALA A 281 13.82 -5.69 19.50
N GLU A 282 14.45 -5.28 18.41
CA GLU A 282 15.73 -4.59 18.50
C GLU A 282 15.58 -3.26 19.23
N ILE A 283 14.49 -2.55 18.98
CA ILE A 283 14.28 -1.24 19.59
C ILE A 283 14.18 -1.38 21.09
N VAL A 284 13.31 -2.27 21.57
CA VAL A 284 13.11 -2.39 23.01
C VAL A 284 14.31 -3.00 23.72
N ALA A 285 15.17 -3.71 22.98
CA ALA A 285 16.42 -4.25 23.47
C ALA A 285 17.52 -3.21 23.54
N GLY A 286 17.24 -1.97 23.13
CA GLY A 286 18.20 -0.89 23.19
C GLY A 286 19.22 -0.86 22.07
N LYS A 287 19.03 -1.67 21.02
CA LYS A 287 20.00 -1.72 19.94
C LYS A 287 19.79 -0.60 18.93
N ASP A 288 20.84 -0.33 18.14
CA ASP A 288 20.76 0.64 17.07
C ASP A 288 19.88 0.08 15.95
N VAL A 289 18.96 0.89 15.45
CA VAL A 289 18.15 0.51 14.30
C VAL A 289 18.09 1.69 13.34
N PRO A 290 18.01 1.45 12.03
CA PRO A 290 17.85 2.57 11.10
C PRO A 290 16.44 3.14 11.19
N VAL A 291 16.31 4.41 10.82
CA VAL A 291 14.99 5.03 10.84
C VAL A 291 14.11 4.48 9.72
N VAL A 292 14.67 4.25 8.53
CA VAL A 292 13.87 3.77 7.40
C VAL A 292 14.50 2.52 6.82
N THR A 293 13.70 1.46 6.73
CA THR A 293 14.02 0.22 6.04
C THR A 293 12.97 0.03 4.94
N ASN A 294 13.42 -0.01 3.69
CA ASN A 294 12.50 -0.19 2.57
C ASN A 294 12.59 -1.62 2.04
N THR A 295 11.49 -2.36 2.12
CA THR A 295 11.38 -3.64 1.44
C THR A 295 11.27 -3.41 -0.07
N GLU A 296 11.57 -4.45 -0.83
CA GLU A 296 11.75 -4.22 -2.26
C GLU A 296 10.41 -4.05 -2.96
N THR A 297 10.50 -3.47 -4.13
CA THR A 297 9.34 -3.28 -4.99
C THR A 297 9.78 -3.63 -6.41
N LYS A 298 8.87 -4.26 -7.15
CA LYS A 298 9.13 -4.83 -8.47
C LYS A 298 7.91 -4.62 -9.35
N VAL A 299 8.12 -4.15 -10.57
CA VAL A 299 7.07 -4.11 -11.59
C VAL A 299 7.11 -5.44 -12.33
N ILE A 300 6.05 -6.24 -12.19
CA ILE A 300 6.00 -7.54 -12.84
C ILE A 300 4.97 -7.48 -13.97
N ARG A 301 5.26 -8.19 -15.03
CA ARG A 301 4.40 -8.31 -16.19
C ARG A 301 4.06 -9.79 -16.39
N LYS A 302 3.29 -10.08 -17.45
CA LYS A 302 2.87 -11.46 -17.69
C LYS A 302 4.06 -12.40 -17.80
N LYS A 303 5.14 -11.96 -18.47
CA LYS A 303 6.30 -12.81 -18.65
C LYS A 303 6.93 -13.25 -17.33
N ASP A 304 6.67 -12.54 -16.24
CA ASP A 304 7.24 -12.88 -14.94
C ASP A 304 6.42 -13.92 -14.19
N LEU A 305 5.24 -14.29 -14.69
CA LEU A 305 4.41 -15.29 -14.02
C LEU A 305 4.90 -16.69 -14.33
N PRO A 306 4.76 -17.63 -13.40
CA PRO A 306 4.34 -17.58 -11.99
C PRO A 306 5.25 -16.71 -11.12
N LEU A 307 4.74 -16.25 -9.98
CA LEU A 307 5.58 -15.53 -9.02
C LEU A 307 6.18 -16.50 -8.00
#